data_3GNM
#
_entry.id   3GNM
#
_cell.length_a   94.210
_cell.length_b   94.210
_cell.length_c   94.950
_cell.angle_alpha   90.00
_cell.angle_beta   90.00
_cell.angle_gamma   90.00
#
_symmetry.space_group_name_H-M   'P 43 21 2'
#
loop_
_entity.id
_entity.type
_entity.pdbx_description
1 polymer 'JAA-F11 Fab Antibody Fragment, Light Chain'
2 polymer 'JAA-F11 Fab Antibody Fragment, Heavy Chain'
3 non-polymer 'PENTAETHYLENE GLYCOL'
4 non-polymer 1,2-ETHANEDIOL
5 water water
#
loop_
_entity_poly.entity_id
_entity_poly.type
_entity_poly.pdbx_seq_one_letter_code
_entity_poly.pdbx_strand_id
1 'polypeptide(L)'
;EVLMTQTPLSLPVNLGDQASISCRSSQTIVYSNGNTYLEWYLQKPGQSPKLLIYKVSNRFSGVPDRFSGSGSGTDFTLKI
SRVEADDLGVYYCFQGSHVPFTFGSGTKLEIKRADAAPTVSIFPPSSEQLTSGGASVVCFLNNFYPKDINVKWKIDGSER
QNGVLNGWTDQDSKDSTYSMSSTLTLTKDEYERHNSYTCEATHKTSTSPIVKSFNRNEC
;
L
2 'polypeptide(L)'
;AVQFLESGAELAKPGASVKMSCKASGYTFTTYWMHWVKQRPGQGLEWIGFISPNTDYTEYNQKFRDKATLTADKSSTTAY
MQLSSLTSEDSAVYYCARSFIGYNFDFWGQGTTLTVSSATTTAPSVYPLVPGCSDTSGSSVTLGCLVKGYFPEPVTVKWN
YGALSSGVRTVSSVLQSGFYSLSSLVTVPSSTWPSQTVICNVAHPASKTELIKRIEPRIPKTS
;
H
#
# COMPACT_ATOMS: atom_id res chain seq x y z
N GLU A 1 -9.88 -14.03 24.45
CA GLU A 1 -9.13 -14.24 23.15
C GLU A 1 -7.63 -14.29 23.42
N VAL A 2 -6.86 -14.96 22.56
CA VAL A 2 -5.39 -15.07 22.80
C VAL A 2 -4.81 -13.77 22.29
N LEU A 3 -4.13 -13.07 23.18
CA LEU A 3 -3.44 -11.86 22.83
C LEU A 3 -2.07 -12.21 22.25
N MET A 4 -1.74 -11.67 21.08
CA MET A 4 -0.45 -11.92 20.43
C MET A 4 0.35 -10.61 20.46
N THR A 5 1.32 -10.50 21.37
CA THR A 5 2.14 -9.29 21.57
C THR A 5 3.52 -9.41 20.91
N GLN A 6 3.84 -8.49 20.02
CA GLN A 6 5.12 -8.47 19.28
C GLN A 6 5.92 -7.26 19.68
N THR A 7 7.23 -7.43 19.68
CA THR A 7 8.18 -6.35 19.93
C THR A 7 9.38 -6.68 19.01
N PRO A 8 10.11 -5.68 18.53
CA PRO A 8 9.77 -4.30 18.71
C PRO A 8 8.62 -3.93 17.74
N LEU A 9 8.08 -2.73 17.85
CA LEU A 9 7.06 -2.31 16.90
C LEU A 9 7.66 -1.96 15.56
N SER A 10 8.87 -1.50 15.63
CA SER A 10 9.59 -1.12 14.47
C SER A 10 11.05 -1.61 14.62
N LEU A 11 11.65 -2.08 13.54
CA LEU A 11 12.93 -2.73 13.62
C LEU A 11 13.91 -2.25 12.53
N PRO A 12 14.75 -1.25 12.87
CA PRO A 12 15.67 -0.71 11.89
C PRO A 12 16.90 -1.64 11.83
N VAL A 13 17.36 -1.97 10.62
CA VAL A 13 18.40 -2.99 10.49
C VAL A 13 19.23 -2.65 9.27
N ASN A 14 20.57 -2.78 9.40
CA ASN A 14 21.46 -2.61 8.24
C ASN A 14 21.37 -3.82 7.37
N LEU A 15 21.60 -3.64 6.06
CA LEU A 15 21.65 -4.74 5.12
C LEU A 15 22.70 -5.74 5.64
N GLY A 16 22.38 -7.02 5.61
CA GLY A 16 23.38 -8.04 5.91
C GLY A 16 23.36 -8.41 7.39
N ASP A 17 22.71 -7.58 8.23
CA ASP A 17 22.60 -7.88 9.67
C ASP A 17 21.43 -8.80 10.00
N GLN A 18 21.34 -9.22 11.26
CA GLN A 18 20.28 -10.14 11.66
C GLN A 18 19.17 -9.41 12.38
N ALA A 19 17.91 -9.74 12.07
CA ALA A 19 16.82 -9.17 12.80
C ALA A 19 16.09 -10.29 13.56
N SER A 20 15.64 -9.97 14.76
CA SER A 20 14.96 -10.88 15.62
C SER A 20 13.65 -10.20 16.00
N ILE A 21 12.53 -10.93 15.88
CA ILE A 21 11.21 -10.37 16.13
C ILE A 21 10.56 -11.30 17.13
N SER A 22 10.07 -10.74 18.23
CA SER A 22 9.57 -11.61 19.28
C SER A 22 8.01 -11.59 19.33
N CYS A 23 7.38 -12.71 19.70
CA CYS A 23 5.93 -12.81 19.80
C CYS A 23 5.64 -13.55 21.10
N ARG A 24 4.79 -12.96 21.96
CA ARG A 24 4.45 -13.56 23.24
C ARG A 24 2.97 -13.83 23.25
N SER A 25 2.54 -15.09 23.45
CA SER A 25 1.06 -15.30 23.47
C SER A 25 0.49 -15.14 24.91
N SER A 26 -0.77 -14.76 25.07
CA SER A 26 -1.33 -14.53 26.40
C SER A 26 -1.57 -15.85 27.12
N GLN A 27 -1.58 -16.96 26.37
CA GLN A 27 -1.70 -18.31 26.93
C GLN A 27 -1.02 -19.26 25.94
N THR A 28 -0.81 -20.51 26.35
CA THR A 28 -0.27 -21.48 25.43
C THR A 28 -1.26 -21.75 24.29
N ILE A 29 -0.69 -22.16 23.17
CA ILE A 29 -1.45 -22.32 21.96
C ILE A 29 -1.10 -23.67 21.33
N VAL A 30 -0.78 -24.67 22.16
CA VAL A 30 -0.70 -26.02 21.68
C VAL A 30 -2.16 -26.42 21.44
N TYR A 31 -2.50 -26.95 20.27
CA TYR A 31 -3.86 -27.36 19.95
C TYR A 31 -4.13 -28.74 20.56
N SER A 32 -5.41 -29.13 20.70
CA SER A 32 -5.68 -30.50 21.24
C SER A 32 -4.92 -31.65 20.57
N ASN A 33 -4.36 -31.45 19.37
CA ASN A 33 -3.62 -32.53 18.64
C ASN A 33 -2.12 -32.51 18.89
N GLY A 34 -1.70 -31.61 19.77
CA GLY A 34 -0.28 -31.54 20.10
C GLY A 34 0.52 -30.61 19.21
N ASN A 35 -0.05 -30.14 18.10
CA ASN A 35 0.65 -29.18 17.21
C ASN A 35 0.48 -27.77 17.77
N THR A 36 1.44 -26.90 17.48
CA THR A 36 1.35 -25.49 17.80
C THR A 36 1.14 -24.72 16.47
N TYR A 37 -0.10 -24.28 16.22
CA TYR A 37 -0.44 -23.51 15.02
C TYR A 37 -0.01 -22.02 15.15
N LEU A 38 1.31 -21.80 15.12
CA LEU A 38 1.88 -20.47 15.17
C LEU A 38 2.55 -20.18 13.81
N GLU A 39 2.07 -19.13 13.12
CA GLU A 39 2.57 -18.73 11.83
C GLU A 39 3.22 -17.34 11.84
N TRP A 40 4.12 -17.08 10.88
CA TRP A 40 4.63 -15.78 10.65
C TRP A 40 4.32 -15.41 9.20
N TYR A 41 3.87 -14.16 9.05
CA TYR A 41 3.53 -13.57 7.80
C TYR A 41 4.38 -12.31 7.57
N LEU A 42 4.60 -12.01 6.30
CA LEU A 42 5.18 -10.73 5.92
C LEU A 42 4.21 -10.03 4.98
N GLN A 43 3.91 -8.78 5.31
CA GLN A 43 3.12 -7.97 4.41
C GLN A 43 3.93 -6.80 3.92
N LYS A 44 4.22 -6.84 2.62
CA LYS A 44 4.91 -5.76 1.96
C LYS A 44 3.91 -4.64 1.62
N PRO A 45 4.40 -3.41 1.47
CA PRO A 45 3.46 -2.29 1.21
C PRO A 45 2.45 -2.52 0.02
N GLY A 46 1.16 -2.34 0.27
CA GLY A 46 0.14 -2.47 -0.80
C GLY A 46 -0.10 -3.89 -1.35
N GLN A 47 0.36 -4.90 -0.59
CA GLN A 47 0.26 -6.33 -1.00
C GLN A 47 -0.49 -7.09 0.08
N SER A 48 -1.00 -8.25 -0.27
CA SER A 48 -1.52 -9.18 0.69
C SER A 48 -0.36 -9.68 1.60
N PRO A 49 -0.65 -10.09 2.85
CA PRO A 49 0.37 -10.83 3.61
C PRO A 49 0.75 -12.17 2.94
N LYS A 50 1.97 -12.64 3.20
CA LYS A 50 2.45 -13.88 2.63
C LYS A 50 2.97 -14.73 3.72
N LEU A 51 2.71 -15.99 3.64
CA LEU A 51 3.09 -16.88 4.71
C LEU A 51 4.61 -17.16 4.65
N LEU A 52 5.29 -17.13 5.78
CA LEU A 52 6.74 -17.42 5.88
C LEU A 52 7.03 -18.72 6.62
N ILE A 53 6.45 -18.84 7.83
CA ILE A 53 6.83 -19.91 8.77
C ILE A 53 5.49 -20.44 9.35
N TYR A 54 5.41 -21.75 9.53
CA TYR A 54 4.18 -22.37 10.05
C TYR A 54 4.57 -23.44 11.09
N LYS A 55 3.61 -23.79 11.95
CA LYS A 55 3.91 -24.68 13.07
C LYS A 55 5.22 -24.31 13.76
N VAL A 56 5.37 -23.01 14.07
CA VAL A 56 6.50 -22.49 14.82
C VAL A 56 7.79 -22.29 14.04
N SER A 57 8.26 -23.34 13.38
CA SER A 57 9.61 -23.34 12.84
C SER A 57 9.75 -23.89 11.43
N ASN A 58 8.62 -24.17 10.78
CA ASN A 58 8.65 -24.79 9.47
C ASN A 58 8.61 -23.71 8.40
N ARG A 59 9.54 -23.77 7.45
CA ARG A 59 9.57 -22.77 6.39
C ARG A 59 8.55 -23.13 5.33
N PHE A 60 7.75 -22.16 4.91
CA PHE A 60 6.77 -22.41 3.86
C PHE A 60 7.55 -22.56 2.56
N SER A 61 6.98 -23.23 1.53
CA SER A 61 7.68 -23.43 0.25
CA SER A 61 7.68 -23.43 0.24
C SER A 61 8.14 -22.12 -0.35
N GLY A 62 9.40 -22.08 -0.76
CA GLY A 62 9.96 -20.93 -1.43
C GLY A 62 10.56 -19.91 -0.50
N VAL A 63 10.29 -20.02 0.80
CA VAL A 63 10.86 -19.07 1.72
C VAL A 63 12.35 -19.32 1.87
N PRO A 64 13.19 -18.30 1.70
CA PRO A 64 14.61 -18.55 1.86
C PRO A 64 14.99 -19.06 3.27
N ASP A 65 16.08 -19.82 3.28
CA ASP A 65 16.67 -20.46 4.44
C ASP A 65 17.04 -19.46 5.53
N ARG A 66 17.20 -18.19 5.18
CA ARG A 66 17.59 -17.20 6.15
C ARG A 66 16.46 -16.73 7.11
N PHE A 67 15.20 -17.07 6.79
CA PHE A 67 14.06 -16.97 7.72
C PHE A 67 13.86 -18.20 8.65
N SER A 68 13.99 -18.00 9.95
CA SER A 68 13.72 -19.11 10.83
C SER A 68 12.94 -18.67 12.06
N GLY A 69 12.12 -19.60 12.51
CA GLY A 69 11.20 -19.37 13.59
C GLY A 69 11.53 -20.43 14.59
N SER A 70 11.34 -20.06 15.85
CA SER A 70 11.56 -20.98 16.98
C SER A 70 10.69 -20.50 18.13
N GLY A 71 10.66 -21.28 19.21
CA GLY A 71 9.97 -20.94 20.44
C GLY A 71 9.06 -22.06 20.85
N SER A 72 8.47 -21.91 22.03
CA SER A 72 7.47 -22.83 22.55
C SER A 72 6.75 -22.09 23.64
N GLY A 73 5.64 -22.66 24.07
CA GLY A 73 4.95 -22.22 25.28
C GLY A 73 4.23 -20.94 24.88
N THR A 74 4.62 -19.84 25.51
CA THR A 74 4.06 -18.53 25.17
C THR A 74 5.10 -17.62 24.52
N ASP A 75 6.23 -18.19 24.11
CA ASP A 75 7.33 -17.35 23.58
C ASP A 75 7.89 -17.74 22.21
N PHE A 76 7.71 -16.92 21.19
CA PHE A 76 8.14 -17.33 19.84
C PHE A 76 8.99 -16.26 19.16
N THR A 77 9.90 -16.66 18.28
CA THR A 77 10.86 -15.72 17.70
C THR A 77 11.00 -15.97 16.25
N LEU A 78 10.90 -14.93 15.46
CA LEU A 78 11.35 -15.00 14.06
C LEU A 78 12.70 -14.35 13.92
N LYS A 79 13.63 -15.06 13.29
CA LYS A 79 14.93 -14.49 12.95
C LYS A 79 15.11 -14.43 11.47
N ILE A 80 15.63 -13.30 11.01
CA ILE A 80 16.00 -13.14 9.59
C ILE A 80 17.49 -12.81 9.58
N SER A 81 18.29 -13.76 9.16
CA SER A 81 19.70 -13.50 8.98
C SER A 81 19.95 -12.81 7.71
N ARG A 82 21.04 -12.07 7.66
CA ARG A 82 21.50 -11.45 6.43
C ARG A 82 20.34 -10.70 5.75
N VAL A 83 19.74 -9.75 6.45
CA VAL A 83 18.66 -9.00 5.92
C VAL A 83 18.96 -8.38 4.52
N GLU A 84 17.98 -8.43 3.63
CA GLU A 84 18.14 -7.87 2.28
C GLU A 84 17.13 -6.73 2.10
N ALA A 85 17.35 -5.93 1.07
CA ALA A 85 16.59 -4.75 0.82
C ALA A 85 15.09 -5.05 0.67
N ASP A 86 14.73 -6.19 0.08
CA ASP A 86 13.34 -6.55 -0.17
CA ASP A 86 13.32 -6.51 -0.16
C ASP A 86 12.66 -7.27 1.00
N ASP A 87 13.36 -7.36 2.15
CA ASP A 87 12.76 -7.98 3.35
C ASP A 87 11.92 -6.94 4.10
N LEU A 88 11.87 -5.70 3.61
CA LEU A 88 11.16 -4.73 4.36
C LEU A 88 9.63 -4.97 4.29
N GLY A 89 8.93 -4.54 5.34
CA GLY A 89 7.48 -4.54 5.35
C GLY A 89 7.11 -4.89 6.80
N VAL A 90 5.84 -5.26 7.00
CA VAL A 90 5.35 -5.57 8.34
C VAL A 90 5.24 -7.09 8.55
N TYR A 91 5.96 -7.60 9.57
CA TYR A 91 5.88 -8.97 9.97
C TYR A 91 4.82 -9.18 11.08
N TYR A 92 3.95 -10.16 10.91
CA TYR A 92 2.94 -10.51 11.90
C TYR A 92 3.11 -12.01 12.29
N CYS A 93 3.08 -12.28 13.58
CA CYS A 93 2.82 -13.63 14.04
C CYS A 93 1.32 -13.90 14.00
N PHE A 94 0.91 -15.17 14.18
CA PHE A 94 -0.53 -15.49 14.07
C PHE A 94 -0.70 -16.79 14.84
N GLN A 95 -1.78 -16.96 15.61
CA GLN A 95 -2.04 -18.25 16.21
C GLN A 95 -3.34 -18.78 15.61
N GLY A 96 -3.33 -20.03 15.13
CA GLY A 96 -4.54 -20.64 14.63
C GLY A 96 -4.92 -21.83 15.48
N SER A 97 -4.66 -21.75 16.78
CA SER A 97 -5.08 -22.79 17.69
C SER A 97 -6.42 -22.56 18.37
N HIS A 98 -6.70 -21.33 18.78
CA HIS A 98 -7.92 -21.06 19.57
C HIS A 98 -8.74 -20.05 18.81
N VAL A 99 -10.01 -20.35 18.65
CA VAL A 99 -10.92 -19.44 17.98
C VAL A 99 -11.30 -18.36 19.01
N PRO A 100 -11.27 -17.07 18.66
CA PRO A 100 -10.88 -16.56 17.34
C PRO A 100 -9.39 -16.54 17.09
N PHE A 101 -9.01 -16.90 15.88
CA PHE A 101 -7.63 -16.78 15.47
C PHE A 101 -7.26 -15.32 15.55
N THR A 102 -6.04 -15.12 16.01
CA THR A 102 -5.56 -13.76 16.21
C THR A 102 -4.16 -13.59 15.66
N PHE A 103 -3.89 -12.38 15.20
CA PHE A 103 -2.58 -12.01 14.72
C PHE A 103 -1.85 -11.11 15.71
N GLY A 104 -0.52 -11.07 15.55
CA GLY A 104 0.28 -10.19 16.37
C GLY A 104 0.02 -8.76 16.01
N SER A 105 0.55 -7.87 16.85
CA SER A 105 0.36 -6.43 16.70
C SER A 105 1.30 -5.86 15.57
N GLY A 106 2.22 -6.67 15.04
CA GLY A 106 2.90 -6.30 13.81
C GLY A 106 4.28 -5.62 14.11
N THR A 107 5.31 -5.98 13.33
CA THR A 107 6.64 -5.35 13.46
C THR A 107 7.08 -4.88 12.10
N LYS A 108 7.31 -3.58 11.93
CA LYS A 108 7.76 -3.00 10.68
C LYS A 108 9.27 -3.08 10.58
N LEU A 109 9.77 -3.95 9.74
CA LEU A 109 11.21 -4.00 9.49
C LEU A 109 11.56 -2.84 8.56
N GLU A 110 12.55 -2.06 8.94
CA GLU A 110 12.95 -0.90 8.14
C GLU A 110 14.44 -1.05 7.87
N ILE A 111 14.90 -0.64 6.71
CA ILE A 111 16.34 -0.69 6.40
C ILE A 111 17.08 0.61 6.73
N LYS A 112 18.19 0.47 7.45
CA LYS A 112 19.12 1.58 7.68
C LYS A 112 20.14 1.52 6.57
N ARG A 113 20.48 2.69 6.05
CA ARG A 113 21.47 2.82 4.98
C ARG A 113 22.13 4.17 5.13
N ALA A 114 23.15 4.41 4.31
CA ALA A 114 23.83 5.70 4.36
C ALA A 114 22.86 6.83 3.88
N ASP A 115 23.12 8.05 4.35
CA ASP A 115 22.31 9.21 3.95
C ASP A 115 22.37 9.44 2.41
N ALA A 116 21.29 9.98 1.86
CA ALA A 116 21.16 10.21 0.41
C ALA A 116 20.38 11.51 0.24
N ALA A 117 20.89 12.36 -0.65
CA ALA A 117 20.31 13.68 -0.84
C ALA A 117 19.20 13.53 -1.86
N PRO A 118 18.12 14.33 -1.72
CA PRO A 118 17.03 14.26 -2.74
C PRO A 118 17.44 14.80 -4.12
N THR A 119 16.93 14.18 -5.18
CA THR A 119 16.91 14.85 -6.49
C THR A 119 15.55 15.56 -6.61
N VAL A 120 15.54 16.88 -6.81
CA VAL A 120 14.30 17.66 -6.80
C VAL A 120 13.84 18.01 -8.20
N SER A 121 12.56 17.75 -8.49
CA SER A 121 11.91 18.22 -9.74
C SER A 121 10.68 19.06 -9.42
N ILE A 122 10.49 20.14 -10.15
CA ILE A 122 9.31 20.94 -9.97
C ILE A 122 8.49 20.86 -11.27
N PHE A 123 7.18 20.73 -11.15
CA PHE A 123 6.31 20.52 -12.35
C PHE A 123 5.22 21.55 -12.34
N PRO A 124 5.26 22.43 -13.33
CA PRO A 124 4.22 23.42 -13.51
C PRO A 124 2.90 22.67 -13.74
N PRO A 125 1.76 23.27 -13.43
CA PRO A 125 0.49 22.66 -13.81
C PRO A 125 0.46 22.39 -15.33
N SER A 126 -0.26 21.36 -15.76
CA SER A 126 -0.57 21.12 -17.17
C SER A 126 -1.68 22.08 -17.58
N SER A 127 -1.66 22.62 -18.80
CA SER A 127 -2.81 23.43 -19.26
C SER A 127 -4.07 22.52 -19.20
N GLU A 128 -3.89 21.20 -19.30
CA GLU A 128 -5.05 20.26 -19.17
C GLU A 128 -5.84 20.34 -17.90
N GLN A 129 -5.23 20.89 -16.85
CA GLN A 129 -5.90 21.02 -15.56
C GLN A 129 -6.69 22.33 -15.45
N LEU A 130 -6.46 23.26 -16.33
CA LEU A 130 -7.03 24.56 -16.08
C LEU A 130 -8.57 24.68 -16.06
N THR A 131 -9.30 23.92 -16.87
CA THR A 131 -10.77 24.11 -16.83
C THR A 131 -11.38 23.52 -15.52
N SER A 132 -10.63 22.70 -14.79
CA SER A 132 -11.09 22.29 -13.44
C SER A 132 -11.22 23.46 -12.47
N GLY A 133 -10.61 24.60 -12.78
CA GLY A 133 -10.66 25.73 -11.84
C GLY A 133 -9.55 25.63 -10.81
N GLY A 134 -8.77 24.52 -10.84
CA GLY A 134 -7.60 24.29 -9.98
C GLY A 134 -6.29 24.21 -10.78
N ALA A 135 -5.16 24.43 -10.12
CA ALA A 135 -3.85 24.33 -10.75
C ALA A 135 -2.88 23.80 -9.66
N SER A 136 -2.29 22.62 -9.88
CA SER A 136 -1.36 22.00 -8.97
C SER A 136 0.07 22.16 -9.44
N VAL A 137 0.89 22.69 -8.54
CA VAL A 137 2.29 22.76 -8.83
C VAL A 137 2.93 21.70 -7.95
N VAL A 138 3.66 20.78 -8.56
CA VAL A 138 4.16 19.65 -7.81
C VAL A 138 5.69 19.74 -7.63
N CYS A 139 6.14 19.64 -6.40
CA CYS A 139 7.57 19.49 -6.11
C CYS A 139 7.83 18.03 -5.73
N PHE A 140 8.67 17.34 -6.50
CA PHE A 140 8.98 15.94 -6.25
C PHE A 140 10.43 15.77 -5.78
N LEU A 141 10.63 15.05 -4.68
CA LEU A 141 11.93 14.89 -4.04
C LEU A 141 12.22 13.42 -4.11
N ASN A 142 13.20 13.05 -4.90
CA ASN A 142 13.37 11.65 -5.20
C ASN A 142 14.63 11.09 -4.54
N ASN A 143 14.48 9.93 -3.87
CA ASN A 143 15.57 9.01 -3.52
C ASN A 143 16.47 9.54 -2.43
N PHE A 144 15.88 9.91 -1.29
CA PHE A 144 16.60 10.49 -0.18
C PHE A 144 16.52 9.59 1.02
N TYR A 145 17.46 9.78 1.93
CA TYR A 145 17.49 9.02 3.20
C TYR A 145 18.28 9.85 4.19
N PRO A 146 17.75 10.05 5.42
CA PRO A 146 16.49 9.52 5.98
C PRO A 146 15.22 10.23 5.52
N LYS A 147 14.09 9.74 6.04
CA LYS A 147 12.74 10.13 5.57
C LYS A 147 12.38 11.57 5.87
N ASP A 148 12.89 12.08 6.99
CA ASP A 148 12.58 13.45 7.36
C ASP A 148 13.17 14.47 6.43
N ILE A 149 12.32 15.36 5.93
CA ILE A 149 12.77 16.38 4.99
C ILE A 149 11.92 17.64 5.21
N ASN A 150 12.48 18.83 4.96
CA ASN A 150 11.68 20.06 4.91
C ASN A 150 11.48 20.56 3.48
N VAL A 151 10.25 20.98 3.17
CA VAL A 151 9.95 21.65 1.87
C VAL A 151 9.32 23.00 2.13
N LYS A 152 9.86 24.04 1.51
CA LYS A 152 9.34 25.40 1.63
C LYS A 152 8.84 25.78 0.22
N TRP A 153 7.67 26.43 0.16
CA TRP A 153 7.18 27.02 -1.08
C TRP A 153 7.28 28.56 -1.12
N LYS A 154 7.70 29.08 -2.26
CA LYS A 154 7.64 30.51 -2.46
C LYS A 154 6.89 30.83 -3.74
N ILE A 155 6.12 31.92 -3.71
CA ILE A 155 5.41 32.42 -4.86
C ILE A 155 5.82 33.90 -5.03
N ASP A 156 6.49 34.20 -6.15
CA ASP A 156 7.07 35.54 -6.39
C ASP A 156 7.88 36.01 -5.19
N GLY A 157 8.67 35.12 -4.58
CA GLY A 157 9.47 35.45 -3.39
C GLY A 157 8.80 35.41 -2.00
N SER A 158 7.48 35.44 -1.94
CA SER A 158 6.76 35.34 -0.66
C SER A 158 6.48 33.88 -0.31
N GLU A 159 6.76 33.53 0.94
CA GLU A 159 6.54 32.17 1.39
C GLU A 159 5.05 31.82 1.51
N ARG A 160 4.67 30.57 1.23
CA ARG A 160 3.25 30.16 1.31
C ARG A 160 2.95 28.91 2.16
N GLN A 161 1.91 28.96 3.00
CA GLN A 161 1.53 27.78 3.83
C GLN A 161 0.26 27.05 3.34
N ASN A 162 -0.77 27.80 2.99
CA ASN A 162 -2.04 27.17 2.56
C ASN A 162 -1.96 26.48 1.24
N GLY A 163 -2.78 25.44 1.11
CA GLY A 163 -2.92 24.66 -0.14
C GLY A 163 -1.73 23.73 -0.43
N VAL A 164 -0.95 23.38 0.59
CA VAL A 164 0.18 22.47 0.40
C VAL A 164 -0.06 21.16 1.09
N LEU A 165 0.04 20.05 0.34
CA LEU A 165 -0.10 18.72 0.92
C LEU A 165 1.02 17.79 0.43
N ASN A 166 1.41 16.88 1.31
CA ASN A 166 2.64 16.14 1.13
C ASN A 166 2.29 14.67 1.16
N GLY A 167 2.94 13.87 0.32
CA GLY A 167 2.72 12.44 0.27
C GLY A 167 4.09 11.79 0.12
N TRP A 168 4.25 10.58 0.67
CA TRP A 168 5.53 9.84 0.73
C TRP A 168 5.35 8.50 0.05
N THR A 169 6.42 7.95 -0.51
CA THR A 169 6.42 6.54 -0.86
C THR A 169 6.85 5.73 0.36
N ASP A 170 6.58 4.43 0.32
CA ASP A 170 7.26 3.50 1.21
C ASP A 170 8.74 3.46 0.84
N GLN A 171 9.56 2.97 1.77
CA GLN A 171 10.97 2.72 1.50
C GLN A 171 11.14 1.84 0.24
N ASP A 172 12.01 2.25 -0.68
CA ASP A 172 12.25 1.49 -1.90
C ASP A 172 12.76 0.08 -1.62
N SER A 173 12.20 -0.88 -2.34
CA SER A 173 12.59 -2.28 -2.35
C SER A 173 14.05 -2.54 -2.68
N LYS A 174 14.66 -1.63 -3.47
CA LYS A 174 15.99 -1.87 -4.07
C LYS A 174 17.05 -0.98 -3.44
N ASP A 175 16.89 0.34 -3.49
CA ASP A 175 17.91 1.24 -2.91
C ASP A 175 17.63 1.70 -1.43
N SER A 176 16.47 1.31 -0.88
CA SER A 176 16.04 1.64 0.46
C SER A 176 15.91 3.12 0.76
N THR A 177 15.64 3.92 -0.28
CA THR A 177 15.42 5.33 -0.17
C THR A 177 13.93 5.66 -0.16
N TYR A 178 13.62 6.90 0.20
CA TYR A 178 12.25 7.40 0.24
C TYR A 178 12.11 8.42 -0.86
N SER A 179 10.87 8.69 -1.27
CA SER A 179 10.59 9.83 -2.16
C SER A 179 9.35 10.49 -1.62
N MET A 180 9.08 11.74 -2.03
CA MET A 180 7.93 12.44 -1.51
C MET A 180 7.56 13.52 -2.51
N SER A 181 6.25 13.78 -2.59
CA SER A 181 5.70 14.91 -3.34
C SER A 181 5.21 15.93 -2.39
N SER A 182 5.48 17.19 -2.71
CA SER A 182 4.86 18.35 -2.07
C SER A 182 4.04 19.06 -3.15
N THR A 183 2.73 19.20 -2.93
CA THR A 183 1.89 19.70 -4.02
C THR A 183 1.21 20.95 -3.51
N LEU A 184 1.46 22.08 -4.18
CA LEU A 184 0.79 23.32 -3.92
C LEU A 184 -0.40 23.40 -4.88
N THR A 185 -1.61 23.35 -4.36
CA THR A 185 -2.77 23.46 -5.22
C THR A 185 -3.41 24.85 -5.02
N LEU A 186 -3.65 25.56 -6.12
CA LEU A 186 -4.23 26.91 -6.13
C LEU A 186 -5.48 26.88 -6.97
N THR A 187 -6.30 27.94 -6.93
CA THR A 187 -7.32 28.11 -7.97
C THR A 187 -6.54 28.49 -9.23
N LYS A 188 -7.09 28.17 -10.39
CA LYS A 188 -6.54 28.64 -11.67
C LYS A 188 -6.28 30.13 -11.67
N ASP A 189 -7.18 30.90 -11.06
CA ASP A 189 -7.08 32.37 -10.97
C ASP A 189 -5.84 32.78 -10.14
N GLU A 190 -5.66 32.20 -8.94
CA GLU A 190 -4.42 32.49 -8.18
C GLU A 190 -3.20 32.11 -9.02
N TYR A 191 -3.22 30.91 -9.60
CA TYR A 191 -2.05 30.46 -10.35
C TYR A 191 -1.59 31.54 -11.40
N GLU A 192 -2.55 32.00 -12.19
CA GLU A 192 -2.34 32.93 -13.29
C GLU A 192 -2.02 34.38 -12.84
N ARG A 193 -2.24 34.71 -11.57
CA ARG A 193 -1.93 36.05 -11.02
C ARG A 193 -0.44 36.16 -10.68
N HIS A 194 0.26 35.03 -10.64
CA HIS A 194 1.65 35.04 -10.18
C HIS A 194 2.61 34.51 -11.22
N ASN A 195 3.90 34.85 -11.06
CA ASN A 195 4.88 34.47 -12.05
C ASN A 195 5.91 33.36 -11.67
N SER A 196 6.70 33.53 -10.61
CA SER A 196 7.65 32.50 -10.19
C SER A 196 7.11 31.68 -9.05
N TYR A 197 7.41 30.39 -9.13
CA TYR A 197 6.99 29.41 -8.17
C TYR A 197 8.27 28.64 -7.84
N THR A 198 8.62 28.58 -6.56
CA THR A 198 9.82 27.92 -6.09
C THR A 198 9.49 26.92 -4.99
N CYS A 199 10.08 25.72 -5.04
CA CYS A 199 10.11 24.87 -3.87
C CYS A 199 11.59 24.70 -3.48
N GLU A 200 11.82 24.74 -2.18
CA GLU A 200 13.15 24.58 -1.63
C GLU A 200 13.09 23.45 -0.66
N ALA A 201 13.99 22.49 -0.85
CA ALA A 201 14.10 21.30 -0.03
C ALA A 201 15.38 21.37 0.81
N THR A 202 15.22 21.14 2.11
CA THR A 202 16.31 21.16 3.07
C THR A 202 16.30 19.80 3.71
N HIS A 203 17.48 19.18 3.79
CA HIS A 203 17.62 17.82 4.30
C HIS A 203 18.98 17.79 4.98
N LYS A 204 19.11 16.95 6.00
CA LYS A 204 20.37 16.80 6.76
C LYS A 204 21.63 16.50 5.91
N THR A 205 21.44 15.99 4.71
CA THR A 205 22.58 15.73 3.79
C THR A 205 23.33 17.02 3.32
N SER A 206 22.76 18.22 3.47
CA SER A 206 23.52 19.45 3.16
C SER A 206 22.91 20.63 3.94
N THR A 207 23.75 21.57 4.39
CA THR A 207 23.25 22.83 4.90
C THR A 207 22.66 23.72 3.79
N SER A 208 22.98 23.44 2.54
CA SER A 208 22.34 24.23 1.47
C SER A 208 21.02 23.61 1.07
N PRO A 209 19.97 24.44 0.95
CA PRO A 209 18.67 24.06 0.37
C PRO A 209 18.86 23.69 -1.13
N ILE A 210 18.04 22.78 -1.64
CA ILE A 210 17.94 22.57 -3.10
C ILE A 210 16.71 23.31 -3.55
N VAL A 211 16.93 24.29 -4.41
CA VAL A 211 15.95 25.25 -4.82
C VAL A 211 15.59 24.92 -6.28
N LYS A 212 14.30 24.63 -6.53
CA LYS A 212 13.84 24.45 -7.89
C LYS A 212 12.74 25.48 -8.13
N SER A 213 12.74 26.08 -9.33
CA SER A 213 11.92 27.25 -9.60
C SER A 213 11.52 27.30 -11.09
N PHE A 214 10.34 27.84 -11.43
CA PHE A 214 10.03 28.18 -12.82
C PHE A 214 9.29 29.52 -12.87
N ASN A 215 9.21 30.11 -14.07
CA ASN A 215 8.34 31.26 -14.36
C ASN A 215 7.39 30.92 -15.48
N ARG A 216 6.10 31.17 -15.33
CA ARG A 216 5.17 31.07 -16.51
C ARG A 216 5.58 32.17 -17.50
N ASN A 217 6.36 31.76 -18.51
CA ASN A 217 7.42 32.65 -19.06
C ASN A 217 7.29 34.16 -18.87
N ALA B 1 -2.15 -22.32 -10.81
CA ALA B 1 -1.81 -21.91 -9.42
C ALA B 1 -3.04 -21.51 -8.56
N VAL B 2 -2.86 -21.43 -7.24
CA VAL B 2 -3.92 -21.03 -6.32
C VAL B 2 -4.07 -19.51 -6.44
N GLN B 3 -5.26 -19.06 -6.78
CA GLN B 3 -5.52 -17.65 -6.91
C GLN B 3 -6.88 -17.31 -6.39
N PHE B 4 -7.02 -16.05 -5.95
CA PHE B 4 -8.29 -15.52 -5.53
C PHE B 4 -8.52 -14.18 -6.24
N LEU B 5 -9.65 -14.10 -6.94
CA LEU B 5 -10.10 -12.86 -7.52
C LEU B 5 -11.16 -12.25 -6.58
N GLU B 6 -10.85 -11.11 -6.00
CA GLU B 6 -11.79 -10.45 -5.09
C GLU B 6 -12.35 -9.20 -5.74
N SER B 7 -13.61 -8.89 -5.46
CA SER B 7 -14.25 -7.67 -6.00
C SER B 7 -13.49 -6.34 -6.02
N GLY B 8 -12.53 -6.04 -5.14
CA GLY B 8 -11.64 -4.82 -5.56
C GLY B 8 -11.72 -3.41 -4.87
N ALA B 9 -12.82 -2.70 -5.16
CA ALA B 9 -13.28 -1.63 -4.28
C ALA B 9 -14.80 -1.52 -4.20
N GLU B 10 -15.32 -1.30 -3.00
CA GLU B 10 -16.73 -1.06 -2.90
C GLU B 10 -17.01 0.15 -2.05
N LEU B 11 -18.01 0.90 -2.50
CA LEU B 11 -18.50 2.02 -1.75
C LEU B 11 -19.90 1.67 -1.26
N ALA B 12 -20.16 1.91 0.02
CA ALA B 12 -21.50 1.68 0.58
C ALA B 12 -21.87 2.81 1.54
N LYS B 13 -23.17 3.03 1.66
CA LYS B 13 -23.80 4.04 2.54
C LYS B 13 -23.82 3.58 3.99
N PRO B 14 -23.60 4.51 4.92
CA PRO B 14 -23.77 4.21 6.34
C PRO B 14 -25.16 3.51 6.56
N GLY B 15 -25.20 2.42 7.31
CA GLY B 15 -26.48 1.71 7.55
C GLY B 15 -26.82 0.70 6.45
N ALA B 16 -26.09 0.70 5.33
CA ALA B 16 -26.43 -0.26 4.28
C ALA B 16 -25.71 -1.58 4.58
N SER B 17 -25.92 -2.56 3.69
CA SER B 17 -25.23 -3.81 3.72
C SER B 17 -24.47 -3.87 2.43
N VAL B 18 -23.36 -4.59 2.40
CA VAL B 18 -22.63 -4.75 1.19
C VAL B 18 -22.20 -6.22 1.11
N LYS B 19 -22.12 -6.75 -0.09
CA LYS B 19 -21.64 -8.10 -0.29
C LYS B 19 -20.37 -8.12 -1.10
N MET B 20 -19.43 -8.96 -0.73
CA MET B 20 -18.24 -9.07 -1.55
C MET B 20 -17.88 -10.52 -1.77
N SER B 21 -17.14 -10.75 -2.83
CA SER B 21 -16.97 -12.11 -3.29
C SER B 21 -15.53 -12.41 -3.56
N CYS B 22 -15.21 -13.69 -3.50
CA CYS B 22 -13.87 -14.15 -3.61
C CYS B 22 -13.94 -15.43 -4.46
N LYS B 23 -13.57 -15.33 -5.75
CA LYS B 23 -13.64 -16.46 -6.65
C LYS B 23 -12.31 -17.17 -6.59
N ALA B 24 -12.39 -18.46 -6.25
CA ALA B 24 -11.22 -19.28 -6.02
C ALA B 24 -10.97 -20.06 -7.26
N SER B 25 -9.70 -20.23 -7.58
CA SER B 25 -9.27 -21.19 -8.60
C SER B 25 -7.97 -21.81 -8.15
N GLY B 26 -7.60 -22.88 -8.85
CA GLY B 26 -6.33 -23.54 -8.60
C GLY B 26 -6.33 -24.59 -7.51
N TYR B 27 -7.50 -25.06 -7.09
CA TYR B 27 -7.53 -26.19 -6.17
C TYR B 27 -8.97 -26.74 -6.12
N THR B 28 -9.18 -27.93 -5.54
CA THR B 28 -10.56 -28.38 -5.20
C THR B 28 -11.22 -27.51 -4.12
N PHE B 29 -12.14 -26.66 -4.55
CA PHE B 29 -12.78 -25.69 -3.70
C PHE B 29 -13.42 -26.26 -2.40
N THR B 30 -14.01 -27.45 -2.45
CA THR B 30 -14.66 -28.02 -1.27
C THR B 30 -13.69 -28.70 -0.32
N THR B 31 -12.40 -28.66 -0.60
CA THR B 31 -11.44 -29.36 0.25
C THR B 31 -10.88 -28.47 1.40
N TYR B 32 -11.04 -27.16 1.26
CA TYR B 32 -10.34 -26.23 2.15
C TYR B 32 -11.26 -25.17 2.63
N TRP B 33 -10.99 -24.67 3.81
CA TRP B 33 -11.81 -23.65 4.38
C TRP B 33 -11.47 -22.29 3.72
N MET B 34 -12.46 -21.40 3.62
CA MET B 34 -12.21 -20.04 3.20
C MET B 34 -12.37 -19.11 4.40
N HIS B 35 -11.35 -18.32 4.69
CA HIS B 35 -11.36 -17.40 5.82
C HIS B 35 -11.42 -15.92 5.29
N TRP B 36 -11.92 -15.00 6.11
CA TRP B 36 -11.87 -13.60 5.83
C TRP B 36 -11.15 -12.85 6.95
N VAL B 37 -10.36 -11.84 6.55
CA VAL B 37 -9.52 -11.04 7.42
C VAL B 37 -9.78 -9.60 7.11
N LYS B 38 -9.87 -8.80 8.15
CA LYS B 38 -10.12 -7.36 8.03
C LYS B 38 -8.80 -6.63 8.29
N GLN B 39 -8.51 -5.57 7.54
CA GLN B 39 -7.37 -4.74 7.85
C GLN B 39 -7.76 -3.27 7.67
N ARG B 40 -7.85 -2.55 8.79
CA ARG B 40 -8.13 -1.12 8.70
C ARG B 40 -6.86 -0.36 8.34
N PRO B 41 -7.01 0.78 7.59
CA PRO B 41 -5.87 1.54 7.07
C PRO B 41 -4.81 1.78 8.15
N GLY B 42 -3.56 1.41 7.87
CA GLY B 42 -2.47 1.55 8.88
C GLY B 42 -2.60 0.69 10.12
N GLN B 43 -3.58 -0.21 10.17
CA GLN B 43 -3.76 -1.07 11.36
C GLN B 43 -3.40 -2.53 11.08
N GLY B 44 -3.55 -3.37 12.10
CA GLY B 44 -3.20 -4.78 11.93
C GLY B 44 -4.29 -5.63 11.31
N LEU B 45 -4.19 -6.95 11.53
CA LEU B 45 -5.05 -7.86 10.81
C LEU B 45 -6.06 -8.48 11.79
N GLU B 46 -7.30 -8.63 11.38
CA GLU B 46 -8.25 -9.18 12.32
C GLU B 46 -9.02 -10.30 11.67
N TRP B 47 -9.00 -11.47 12.30
CA TRP B 47 -9.66 -12.63 11.64
C TRP B 47 -11.20 -12.56 11.86
N ILE B 48 -11.95 -12.77 10.82
CA ILE B 48 -13.39 -12.61 10.91
C ILE B 48 -14.16 -13.92 11.12
N GLY B 49 -13.81 -14.95 10.35
CA GLY B 49 -14.57 -16.21 10.35
C GLY B 49 -14.14 -17.06 9.19
N PHE B 50 -14.67 -18.27 9.08
CA PHE B 50 -14.37 -19.14 7.96
C PHE B 50 -15.60 -19.95 7.61
N ILE B 51 -15.61 -20.46 6.40
CA ILE B 51 -16.71 -21.29 5.96
C ILE B 51 -16.03 -22.46 5.33
N SER B 52 -16.59 -23.64 5.59
CA SER B 52 -16.25 -24.81 4.85
C SER B 52 -17.29 -24.97 3.72
N PRO B 53 -16.90 -24.77 2.44
CA PRO B 53 -17.86 -24.91 1.29
C PRO B 53 -18.55 -26.26 1.15
N ASN B 54 -17.85 -27.34 1.52
CA ASN B 54 -18.38 -28.67 1.37
C ASN B 54 -19.59 -29.03 2.22
N THR B 55 -19.73 -28.37 3.35
CA THR B 55 -20.85 -28.61 4.23
C THR B 55 -21.57 -27.28 4.56
N ASP B 56 -20.96 -26.15 4.17
CA ASP B 56 -21.44 -24.80 4.53
C ASP B 56 -21.32 -24.52 6.03
N TYR B 57 -20.55 -25.34 6.75
CA TYR B 57 -20.21 -25.05 8.14
C TYR B 57 -19.51 -23.71 8.25
N THR B 58 -19.93 -22.86 9.19
CA THR B 58 -19.26 -21.58 9.42
C THR B 58 -18.91 -21.38 10.89
N GLU B 59 -17.77 -20.74 11.12
CA GLU B 59 -17.35 -20.31 12.42
C GLU B 59 -16.95 -18.82 12.42
N TYR B 60 -17.39 -18.07 13.42
CA TYR B 60 -17.12 -16.62 13.43
C TYR B 60 -16.30 -16.16 14.59
N ASN B 61 -15.57 -15.06 14.36
CA ASN B 61 -15.05 -14.28 15.51
C ASN B 61 -16.33 -13.64 16.10
N GLN B 62 -16.57 -13.83 17.38
CA GLN B 62 -17.81 -13.31 17.99
C GLN B 62 -17.93 -11.82 17.87
N LYS B 63 -16.82 -11.10 17.69
CA LYS B 63 -16.92 -9.65 17.39
C LYS B 63 -17.73 -9.34 16.12
N PHE B 64 -17.81 -10.28 15.18
CA PHE B 64 -18.45 -10.03 13.87
C PHE B 64 -19.75 -10.78 13.81
N ARG B 65 -20.17 -11.34 14.95
CA ARG B 65 -21.44 -12.09 15.08
C ARG B 65 -22.58 -11.51 14.24
N ASP B 66 -22.95 -10.26 14.47
CA ASP B 66 -24.02 -9.69 13.64
C ASP B 66 -23.62 -8.77 12.53
N LYS B 67 -22.32 -8.60 12.34
CA LYS B 67 -21.76 -7.84 11.26
C LYS B 67 -21.52 -8.65 9.97
N ALA B 68 -21.01 -9.88 10.05
CA ALA B 68 -20.59 -10.64 8.84
C ALA B 68 -21.41 -11.90 8.64
N THR B 69 -21.69 -12.24 7.39
CA THR B 69 -22.34 -13.50 7.08
C THR B 69 -21.54 -14.07 5.92
N LEU B 70 -21.03 -15.28 6.16
CA LEU B 70 -20.18 -15.97 5.17
C LEU B 70 -21.03 -17.01 4.49
N THR B 71 -20.96 -17.01 3.16
CA THR B 71 -21.65 -17.98 2.39
C THR B 71 -20.69 -18.45 1.33
N ALA B 72 -21.07 -19.47 0.58
CA ALA B 72 -20.21 -19.98 -0.48
C ALA B 72 -21.02 -20.67 -1.56
N ASP B 73 -20.43 -20.75 -2.74
CA ASP B 73 -21.07 -21.37 -3.86
C ASP B 73 -20.15 -22.34 -4.56
N LYS B 74 -20.44 -23.63 -4.38
CA LYS B 74 -19.65 -24.71 -4.94
C LYS B 74 -19.52 -24.64 -6.42
N SER B 75 -20.65 -24.56 -7.13
CA SER B 75 -20.60 -24.63 -8.57
C SER B 75 -19.77 -23.53 -9.20
N SER B 76 -19.77 -22.34 -8.59
CA SER B 76 -19.00 -21.25 -9.17
C SER B 76 -17.71 -21.00 -8.44
N THR B 77 -17.37 -21.94 -7.54
CA THR B 77 -16.23 -21.86 -6.59
C THR B 77 -15.97 -20.48 -6.03
N THR B 78 -17.03 -19.87 -5.51
CA THR B 78 -16.93 -18.52 -5.03
C THR B 78 -17.33 -18.38 -3.56
N ALA B 79 -16.49 -17.69 -2.78
CA ALA B 79 -16.90 -17.42 -1.39
C ALA B 79 -17.46 -16.02 -1.30
N TYR B 80 -18.42 -15.83 -0.37
CA TYR B 80 -19.06 -14.54 -0.17
C TYR B 80 -19.03 -14.05 1.27
N MET B 81 -18.86 -12.75 1.45
CA MET B 81 -19.08 -12.20 2.76
C MET B 81 -20.02 -11.01 2.63
N GLN B 82 -21.04 -10.98 3.49
CA GLN B 82 -21.88 -9.84 3.55
C GLN B 82 -21.61 -9.08 4.86
N LEU B 83 -21.55 -7.76 4.77
CA LEU B 83 -21.39 -6.96 5.97
C LEU B 83 -22.62 -6.09 6.06
N SER B 84 -23.25 -6.01 7.24
CA SER B 84 -24.49 -5.31 7.43
C SER B 84 -24.31 -4.16 8.45
N SER B 85 -25.30 -3.26 8.46
CA SER B 85 -25.35 -2.08 9.32
C SER B 85 -24.05 -1.31 9.30
N LEU B 86 -23.62 -0.87 8.13
CA LEU B 86 -22.24 -0.41 7.94
C LEU B 86 -21.97 0.92 8.62
N THR B 87 -20.81 1.04 9.25
CA THR B 87 -20.37 2.35 9.79
C THR B 87 -18.97 2.60 9.30
N SER B 88 -18.46 3.81 9.53
CA SER B 88 -17.12 4.17 9.06
C SER B 88 -16.09 3.20 9.60
N GLU B 89 -16.38 2.61 10.75
CA GLU B 89 -15.57 1.55 11.37
C GLU B 89 -15.39 0.27 10.56
N ASP B 90 -16.31 0.03 9.62
CA ASP B 90 -16.21 -1.07 8.64
C ASP B 90 -15.36 -0.74 7.38
N SER B 91 -15.02 0.52 7.20
CA SER B 91 -14.07 0.88 6.09
C SER B 91 -12.71 0.22 6.34
N ALA B 92 -12.26 -0.64 5.42
CA ALA B 92 -11.11 -1.46 5.66
C ALA B 92 -10.84 -2.18 4.39
N VAL B 93 -9.68 -2.87 4.31
CA VAL B 93 -9.47 -3.92 3.29
C VAL B 93 -9.86 -5.33 3.87
N TYR B 94 -10.65 -6.09 3.12
CA TYR B 94 -11.08 -7.43 3.46
C TYR B 94 -10.41 -8.44 2.52
N TYR B 95 -9.65 -9.35 3.11
CA TYR B 95 -8.94 -10.38 2.39
C TYR B 95 -9.73 -11.66 2.58
N CYS B 96 -9.84 -12.49 1.53
CA CYS B 96 -10.16 -13.91 1.75
C CYS B 96 -8.86 -14.66 1.61
N ALA B 97 -8.79 -15.83 2.20
CA ALA B 97 -7.58 -16.61 2.12
C ALA B 97 -8.07 -18.00 2.38
N ARG B 98 -7.50 -18.99 1.70
CA ARG B 98 -7.86 -20.35 2.03
C ARG B 98 -6.97 -20.85 3.19
N SER B 99 -7.41 -21.88 3.92
CA SER B 99 -6.50 -22.60 4.81
C SER B 99 -6.26 -24.01 4.26
N PHE B 100 -5.00 -24.43 4.35
CA PHE B 100 -4.48 -25.72 3.90
C PHE B 100 -4.45 -26.70 5.13
N ILE B 101 -3.52 -27.67 5.11
CA ILE B 101 -3.37 -28.65 6.21
C ILE B 101 -2.00 -28.47 6.88
N GLY B 102 -2.00 -28.36 8.20
CA GLY B 102 -0.82 -27.96 8.97
C GLY B 102 -0.75 -26.44 8.99
N TYR B 103 -1.04 -25.81 7.86
CA TYR B 103 -0.91 -24.35 7.82
C TYR B 103 -2.11 -23.65 7.20
N ASN B 104 -2.17 -22.37 7.51
CA ASN B 104 -3.35 -21.62 7.23
C ASN B 104 -3.19 -20.92 5.89
N PHE B 105 -2.77 -19.68 5.91
CA PHE B 105 -3.16 -18.79 4.87
C PHE B 105 -2.07 -18.77 3.77
N ASP B 106 -1.90 -19.93 3.16
CA ASP B 106 -0.86 -20.08 2.17
C ASP B 106 -1.11 -19.16 0.99
N PHE B 107 -2.39 -18.86 0.73
CA PHE B 107 -2.73 -18.01 -0.39
C PHE B 107 -3.88 -17.11 0.00
N TRP B 108 -3.71 -15.83 -0.30
CA TRP B 108 -4.59 -14.76 0.12
C TRP B 108 -5.04 -14.09 -1.13
N GLY B 109 -6.27 -13.58 -1.18
CA GLY B 109 -6.64 -12.71 -2.31
C GLY B 109 -5.92 -11.38 -2.17
N GLN B 110 -6.20 -10.47 -3.09
CA GLN B 110 -5.55 -9.12 -3.16
C GLN B 110 -6.27 -8.17 -2.23
N GLY B 111 -7.45 -8.53 -1.75
CA GLY B 111 -8.14 -7.61 -0.86
C GLY B 111 -9.18 -6.74 -1.58
N THR B 112 -10.37 -6.56 -0.98
CA THR B 112 -11.36 -5.57 -1.39
C THR B 112 -11.33 -4.37 -0.47
N THR B 113 -11.10 -3.20 -1.05
CA THR B 113 -11.18 -1.99 -0.26
C THR B 113 -12.63 -1.51 -0.14
N LEU B 114 -13.18 -1.50 1.06
CA LEU B 114 -14.56 -1.09 1.27
C LEU B 114 -14.45 0.27 1.90
N THR B 115 -15.19 1.20 1.32
CA THR B 115 -15.40 2.50 1.95
C THR B 115 -16.87 2.68 2.29
N VAL B 116 -17.14 3.06 3.55
CA VAL B 116 -18.47 3.41 4.02
C VAL B 116 -18.61 4.90 4.10
N SER B 117 -19.46 5.47 3.25
CA SER B 117 -19.58 6.90 3.17
C SER B 117 -20.86 7.21 2.41
N SER B 118 -21.41 8.42 2.64
CA SER B 118 -22.55 8.96 1.94
C SER B 118 -22.20 9.55 0.55
N ALA B 119 -20.93 9.83 0.34
CA ALA B 119 -20.40 10.45 -0.90
C ALA B 119 -20.47 9.43 -2.04
N THR B 120 -20.48 9.92 -3.27
CA THR B 120 -20.71 9.05 -4.42
C THR B 120 -19.33 8.83 -5.09
N THR B 121 -19.21 7.79 -5.91
CA THR B 121 -18.00 7.54 -6.67
C THR B 121 -17.60 8.64 -7.67
N THR B 122 -16.32 9.02 -7.67
CA THR B 122 -15.78 9.93 -8.67
C THR B 122 -14.50 9.38 -9.27
N ALA B 123 -14.52 9.13 -10.60
CA ALA B 123 -13.32 8.72 -11.31
C ALA B 123 -12.29 9.88 -11.28
N PRO B 124 -10.99 9.56 -11.30
CA PRO B 124 -9.96 10.59 -11.23
C PRO B 124 -9.78 11.29 -12.55
N SER B 125 -9.45 12.60 -12.49
CA SER B 125 -8.79 13.29 -13.60
C SER B 125 -7.31 12.93 -13.61
N VAL B 126 -6.69 12.91 -14.80
CA VAL B 126 -5.28 12.57 -14.82
C VAL B 126 -4.47 13.58 -15.62
N TYR B 127 -3.46 14.16 -14.99
CA TYR B 127 -2.70 15.20 -15.66
C TYR B 127 -1.25 14.82 -15.82
N PRO B 128 -0.62 15.26 -16.94
CA PRO B 128 0.77 14.94 -17.05
C PRO B 128 1.64 15.79 -16.13
N LEU B 129 2.68 15.18 -15.62
CA LEU B 129 3.72 15.87 -14.92
C LEU B 129 4.94 15.85 -15.83
N VAL B 130 5.27 17.02 -16.39
CA VAL B 130 6.39 17.13 -17.32
C VAL B 130 7.15 18.39 -17.04
N PRO B 131 8.47 18.36 -17.28
CA PRO B 131 9.36 19.50 -16.99
C PRO B 131 8.93 20.76 -17.71
N GLY B 132 9.12 21.90 -17.04
CA GLY B 132 8.97 23.23 -17.68
C GLY B 132 9.79 23.29 -18.97
N CYS B 133 9.40 24.21 -19.85
CA CYS B 133 10.03 24.36 -21.18
C CYS B 133 11.56 24.65 -21.10
N SER B 134 11.97 25.48 -20.14
CA SER B 134 13.40 25.76 -19.98
C SER B 134 14.18 24.81 -19.01
N ASP B 135 13.51 23.79 -18.45
CA ASP B 135 14.20 22.86 -17.53
C ASP B 135 15.38 22.15 -18.21
N THR B 136 16.52 22.17 -17.52
CA THR B 136 17.73 21.58 -18.01
C THR B 136 18.00 20.33 -17.18
N SER B 137 17.66 19.18 -17.73
CA SER B 137 17.93 17.90 -17.05
C SER B 137 19.38 17.43 -17.34
N GLY B 138 20.00 16.76 -16.38
CA GLY B 138 21.24 16.01 -16.62
C GLY B 138 20.91 14.65 -17.24
N SER B 139 21.53 13.59 -16.75
CA SER B 139 21.42 12.27 -17.40
C SER B 139 20.04 11.53 -17.31
N SER B 140 19.17 11.94 -16.37
CA SER B 140 17.81 11.39 -16.26
C SER B 140 16.77 12.48 -16.31
N VAL B 141 15.54 12.10 -16.64
CA VAL B 141 14.44 13.05 -16.56
C VAL B 141 13.28 12.36 -15.86
N THR B 142 12.62 13.08 -14.96
CA THR B 142 11.51 12.55 -14.23
C THR B 142 10.22 13.05 -14.77
N LEU B 143 9.31 12.14 -15.08
CA LEU B 143 7.99 12.48 -15.63
C LEU B 143 6.97 11.78 -14.74
N GLY B 144 5.70 12.16 -14.87
CA GLY B 144 4.66 11.59 -14.05
C GLY B 144 3.24 11.83 -14.53
N CYS B 145 2.33 11.29 -13.73
CA CYS B 145 0.90 11.50 -13.84
C CYS B 145 0.40 11.91 -12.45
N LEU B 146 -0.29 13.06 -12.40
CA LEU B 146 -0.93 13.56 -11.26
C LEU B 146 -2.38 13.05 -11.34
N VAL B 147 -2.79 12.25 -10.35
CA VAL B 147 -4.12 11.64 -10.37
C VAL B 147 -4.92 12.40 -9.34
N LYS B 148 -5.96 13.12 -9.78
CA LYS B 148 -6.60 14.02 -8.85
C LYS B 148 -8.12 13.84 -8.79
N GLY B 149 -8.69 14.12 -7.61
CA GLY B 149 -10.14 14.32 -7.54
C GLY B 149 -10.90 12.99 -7.53
N TYR B 150 -10.37 11.94 -6.91
CA TYR B 150 -11.12 10.69 -6.99
C TYR B 150 -11.72 10.24 -5.65
N PHE B 151 -12.69 9.33 -5.73
CA PHE B 151 -13.29 8.80 -4.52
C PHE B 151 -14.11 7.56 -4.90
N PRO B 152 -14.06 6.48 -4.09
CA PRO B 152 -13.13 6.25 -2.95
C PRO B 152 -11.77 5.68 -3.41
N GLU B 153 -10.96 5.31 -2.43
CA GLU B 153 -9.72 4.53 -2.61
C GLU B 153 -10.00 3.13 -3.16
N PRO B 154 -9.02 2.47 -3.83
CA PRO B 154 -7.67 2.93 -4.14
C PRO B 154 -7.57 3.38 -5.57
N VAL B 155 -6.42 3.93 -5.89
CA VAL B 155 -6.01 4.06 -7.30
C VAL B 155 -4.71 3.32 -7.35
N THR B 156 -4.43 2.61 -8.43
CA THR B 156 -3.08 2.10 -8.65
C THR B 156 -2.55 2.68 -10.01
N VAL B 157 -1.22 2.80 -10.16
CA VAL B 157 -0.65 3.32 -11.41
C VAL B 157 0.43 2.36 -11.88
N LYS B 158 0.41 1.96 -13.17
CA LYS B 158 1.51 1.21 -13.78
C LYS B 158 2.06 2.07 -14.92
N TRP B 159 3.29 1.78 -15.34
CA TRP B 159 3.91 2.54 -16.42
C TRP B 159 4.25 1.59 -17.59
N ASN B 160 3.93 2.01 -18.81
CA ASN B 160 3.94 1.15 -20.01
C ASN B 160 3.34 -0.23 -19.76
N TYR B 161 2.08 -0.23 -19.28
CA TYR B 161 1.30 -1.46 -19.01
C TYR B 161 1.98 -2.40 -17.97
N GLY B 162 2.98 -1.87 -17.25
CA GLY B 162 3.75 -2.66 -16.30
C GLY B 162 5.20 -2.92 -16.70
N ALA B 163 5.58 -2.51 -17.91
CA ALA B 163 6.89 -2.86 -18.45
C ALA B 163 7.97 -1.91 -17.92
N LEU B 164 7.58 -0.69 -17.56
CA LEU B 164 8.50 0.23 -16.88
C LEU B 164 8.22 0.15 -15.38
N SER B 165 9.10 -0.50 -14.63
CA SER B 165 8.85 -0.63 -13.19
C SER B 165 10.04 -0.14 -12.40
N SER B 166 11.20 -0.27 -13.00
CA SER B 166 12.40 0.37 -12.53
C SER B 166 12.27 1.93 -12.47
N GLY B 167 12.55 2.48 -11.29
CA GLY B 167 12.50 3.94 -11.02
C GLY B 167 11.09 4.57 -10.88
N VAL B 168 10.04 3.74 -10.84
CA VAL B 168 8.67 4.20 -10.50
C VAL B 168 8.52 4.55 -9.00
N ARG B 169 7.95 5.70 -8.70
CA ARG B 169 7.64 6.10 -7.35
C ARG B 169 6.20 6.60 -7.30
N THR B 170 5.36 5.90 -6.56
CA THR B 170 3.95 6.33 -6.54
C THR B 170 3.69 6.78 -5.09
N VAL B 171 3.43 8.06 -4.84
CA VAL B 171 3.39 8.43 -3.45
C VAL B 171 2.02 8.14 -2.85
N SER B 172 1.91 8.23 -1.53
CA SER B 172 0.59 7.95 -0.88
C SER B 172 -0.42 9.08 -1.18
N SER B 173 -1.70 8.72 -1.25
CA SER B 173 -2.76 9.64 -1.59
C SER B 173 -2.92 10.68 -0.50
N VAL B 174 -3.48 11.85 -0.82
CA VAL B 174 -3.87 12.86 0.19
C VAL B 174 -5.29 13.16 -0.05
N LEU B 175 -5.98 13.55 1.00
CA LEU B 175 -7.40 13.71 0.97
C LEU B 175 -7.69 15.17 1.17
N GLN B 176 -8.54 15.69 0.34
CA GLN B 176 -8.83 17.10 0.45
C GLN B 176 -10.30 17.36 0.07
N SER B 177 -11.08 17.98 0.96
CA SER B 177 -12.53 18.14 0.76
C SER B 177 -13.27 16.93 0.20
N GLY B 178 -12.98 15.75 0.69
CA GLY B 178 -13.73 14.59 0.24
C GLY B 178 -13.08 13.89 -0.96
N PHE B 179 -12.02 14.47 -1.55
CA PHE B 179 -11.39 13.80 -2.68
C PHE B 179 -9.89 13.49 -2.50
N TYR B 180 -9.45 12.40 -3.09
CA TYR B 180 -8.07 11.92 -2.99
C TYR B 180 -7.34 12.30 -4.24
N SER B 181 -6.01 12.43 -4.10
CA SER B 181 -5.07 12.65 -5.18
C SER B 181 -3.80 11.98 -4.80
N LEU B 182 -2.98 11.68 -5.82
CA LEU B 182 -1.64 11.17 -5.60
C LEU B 182 -0.87 11.45 -6.86
N SER B 183 0.46 11.39 -6.79
CA SER B 183 1.29 11.44 -8.00
C SER B 183 2.05 10.12 -8.16
N SER B 184 2.29 9.71 -9.40
CA SER B 184 3.18 8.57 -9.74
C SER B 184 4.18 9.12 -10.75
N LEU B 185 5.48 8.91 -10.51
CA LEU B 185 6.57 9.49 -11.24
C LEU B 185 7.48 8.34 -11.69
N VAL B 186 8.12 8.53 -12.85
CA VAL B 186 9.12 7.58 -13.30
C VAL B 186 10.36 8.37 -13.72
N THR B 187 11.53 7.77 -13.59
CA THR B 187 12.77 8.43 -13.97
C THR B 187 13.31 7.58 -15.09
N VAL B 188 13.54 8.19 -16.25
CA VAL B 188 14.15 7.51 -17.39
C VAL B 188 15.41 8.27 -17.83
N PRO B 189 16.30 7.60 -18.63
CA PRO B 189 17.42 8.35 -19.21
C PRO B 189 16.92 9.48 -20.11
N SER B 190 17.54 10.64 -20.00
CA SER B 190 17.15 11.84 -20.76
C SER B 190 17.14 11.61 -22.28
N SER B 191 18.03 10.77 -22.79
CA SER B 191 18.02 10.42 -24.21
C SER B 191 16.76 9.65 -24.70
N THR B 192 15.96 9.08 -23.77
CA THR B 192 14.81 8.19 -24.10
C THR B 192 13.46 8.91 -24.19
N TRP B 193 13.37 10.13 -23.66
CA TRP B 193 12.13 10.91 -23.67
C TRP B 193 12.39 12.37 -23.98
N PRO B 194 11.62 12.96 -24.91
CA PRO B 194 10.41 12.45 -25.58
C PRO B 194 10.54 11.39 -26.70
N SER B 195 11.73 11.09 -27.22
CA SER B 195 11.89 10.15 -28.35
C SER B 195 11.22 8.77 -28.26
N GLN B 196 11.06 8.25 -27.03
CA GLN B 196 10.38 6.97 -26.80
C GLN B 196 9.14 7.20 -25.97
N THR B 197 8.17 6.31 -26.14
CA THR B 197 6.86 6.44 -25.55
C THR B 197 6.90 6.12 -24.05
N VAL B 198 6.28 6.99 -23.28
CA VAL B 198 6.13 6.71 -21.88
C VAL B 198 4.65 6.91 -21.57
N ILE B 199 4.03 5.85 -21.09
CA ILE B 199 2.58 5.82 -20.84
C ILE B 199 2.28 5.45 -19.37
N CYS B 200 1.41 6.20 -18.69
CA CYS B 200 0.84 5.79 -17.39
C CYS B 200 -0.57 5.18 -17.49
N ASN B 201 -0.76 4.10 -16.75
CA ASN B 201 -1.98 3.32 -16.71
C ASN B 201 -2.57 3.51 -15.29
N VAL B 202 -3.67 4.25 -15.19
CA VAL B 202 -4.22 4.66 -13.91
C VAL B 202 -5.51 3.88 -13.69
N ALA B 203 -5.53 3.01 -12.69
CA ALA B 203 -6.67 2.13 -12.51
C ALA B 203 -7.43 2.67 -11.33
N HIS B 204 -8.74 2.81 -11.48
CA HIS B 204 -9.61 3.19 -10.33
C HIS B 204 -10.77 2.19 -10.22
N PRO B 205 -10.62 1.14 -9.39
CA PRO B 205 -11.61 0.04 -9.45
C PRO B 205 -13.02 0.41 -9.06
N ALA B 206 -13.21 1.36 -8.13
CA ALA B 206 -14.61 1.76 -7.72
C ALA B 206 -15.40 2.28 -8.94
N SER B 207 -14.70 2.90 -9.92
CA SER B 207 -15.42 3.32 -11.14
C SER B 207 -15.21 2.43 -12.33
N LYS B 208 -14.53 1.29 -12.11
CA LYS B 208 -14.30 0.24 -13.13
C LYS B 208 -13.53 0.84 -14.34
N THR B 209 -12.51 1.68 -14.07
CA THR B 209 -11.85 2.41 -15.17
C THR B 209 -10.37 2.15 -15.19
N GLU B 210 -9.80 2.03 -16.36
CA GLU B 210 -8.32 2.22 -16.48
C GLU B 210 -8.16 3.40 -17.46
N LEU B 211 -7.42 4.38 -17.03
CA LEU B 211 -7.08 5.52 -17.85
C LEU B 211 -5.65 5.39 -18.35
N ILE B 212 -5.52 5.32 -19.66
CA ILE B 212 -4.21 5.17 -20.35
C ILE B 212 -3.79 6.49 -21.00
N LYS B 213 -2.67 7.04 -20.52
CA LYS B 213 -2.30 8.37 -20.92
C LYS B 213 -0.88 8.38 -21.42
N ARG B 214 -0.69 8.87 -22.64
CA ARG B 214 0.66 9.04 -23.19
C ARG B 214 1.25 10.34 -22.69
N ILE B 215 2.42 10.26 -22.08
CA ILE B 215 3.05 11.46 -21.51
C ILE B 215 4.01 12.15 -22.51
N GLU B 216 3.75 13.44 -22.79
CA GLU B 216 4.49 14.25 -23.82
C GLU B 216 4.90 15.62 -23.28
N PRO B 217 6.00 16.20 -23.86
CA PRO B 217 6.43 17.52 -23.38
C PRO B 217 5.35 18.59 -23.59
N ARG B 218 5.36 19.62 -22.73
CA ARG B 218 4.44 20.76 -22.87
C ARG B 218 4.80 21.64 -24.09
#